data_6XTU
#
_entry.id   6XTU
#
_cell.length_a   124.980
_cell.length_b   124.980
_cell.length_c   111.230
_cell.angle_alpha   90.000
_cell.angle_beta   90.000
_cell.angle_gamma   90.000
#
_symmetry.space_group_name_H-M   'P 41 21 2'
#
loop_
_entity.id
_entity.type
_entity.pdbx_description
1 polymer 'Lysine export transcriptional regulatory protein LysG'
2 water water
#
_entity_poly.entity_id   1
_entity_poly.type   'polypeptide(L)'
_entity_poly.pdbx_seq_one_letter_code
;MGSSHHHHHHSSGLVPRGSHMNPIQLDTLLSIIDEGSFEGASLALSISPSAVSQRVKALEHHVGRVLVSRTQPAKATEAG
EVLVQAARKMVLLQAETKAQLSGRLAEIPLTIAINADSLSTWFPPVFNEVASWGGATLTLRLEDEAHTLSLLRRGDVLGA
VTREANPVAGCEVVELGTMRHLAIATPSLRDAYMVDGKLDWAAMPVLRFGPKDVLQDRDLDGRVDGPVGRRRVSIVPSAE
GFGEAIRRGLGWGLLPETQAAPMLKAGEVILLDEIPIDTPMYWQRWRLESRSLARLTDAVVDAAIEGLRP
;
_entity_poly.pdbx_strand_id   A,B
#
# COMPACT_ATOMS: atom_id res chain seq x y z
N HIS A 20 -18.13 5.48 17.37
CA HIS A 20 -17.38 6.59 16.79
C HIS A 20 -15.89 6.50 17.07
N MET A 21 -15.09 7.12 16.20
CA MET A 21 -13.63 7.09 16.31
C MET A 21 -13.10 8.29 17.09
N ASN A 22 -12.29 8.02 18.10
CA ASN A 22 -11.78 9.07 18.97
C ASN A 22 -10.86 10.02 18.20
N PRO A 23 -11.18 11.31 18.07
CA PRO A 23 -10.30 12.18 17.29
C PRO A 23 -8.95 12.38 17.93
N ILE A 24 -8.85 12.29 19.26
CA ILE A 24 -7.55 12.37 19.90
C ILE A 24 -6.65 11.25 19.40
N GLN A 25 -7.17 10.04 19.35
CA GLN A 25 -6.37 8.91 18.88
C GLN A 25 -5.95 9.09 17.42
N LEU A 26 -6.83 9.60 16.56
CA LEU A 26 -6.41 9.88 15.18
C LEU A 26 -5.25 10.86 15.14
N ASP A 27 -5.31 11.92 15.96
CA ASP A 27 -4.22 12.88 16.04
C ASP A 27 -2.93 12.18 16.42
N THR A 28 -3.00 11.24 17.35
CA THR A 28 -1.81 10.54 17.79
C THR A 28 -1.21 9.69 16.67
N LEU A 29 -2.05 8.92 15.97
CA LEU A 29 -1.55 8.16 14.84
C LEU A 29 -0.89 9.08 13.82
N LEU A 30 -1.53 10.22 13.52
CA LEU A 30 -0.93 11.12 12.54
C LEU A 30 0.40 11.63 13.05
N SER A 31 0.48 11.94 14.35
CA SER A 31 1.73 12.44 14.90
C SER A 31 2.85 11.41 14.80
N ILE A 32 2.53 10.15 15.06
CA ILE A 32 3.52 9.08 14.93
C ILE A 32 4.12 9.11 13.53
N ILE A 33 3.25 9.24 12.53
CA ILE A 33 3.70 9.22 11.14
C ILE A 33 4.50 10.48 10.80
N ASP A 34 3.98 11.65 11.18
CA ASP A 34 4.66 12.91 10.86
C ASP A 34 6.01 12.99 11.55
N GLU A 35 6.11 12.51 12.79
CA GLU A 35 7.35 12.59 13.55
C GLU A 35 8.28 11.42 13.30
N GLY A 36 7.76 10.30 12.80
CA GLY A 36 8.55 9.19 12.38
C GLY A 36 8.64 8.04 13.36
N SER A 37 8.21 8.22 14.60
CA SER A 37 8.29 7.14 15.58
C SER A 37 7.29 7.40 16.70
N PHE A 38 7.10 6.39 17.54
CA PHE A 38 6.26 6.56 18.72
C PHE A 38 6.86 7.58 19.67
N GLU A 39 8.19 7.55 19.84
CA GLU A 39 8.81 8.52 20.73
C GLU A 39 8.66 9.93 20.22
N GLY A 40 8.73 10.10 18.90
CA GLY A 40 8.53 11.41 18.32
C GLY A 40 7.15 11.97 18.61
N ALA A 41 6.12 11.13 18.50
CA ALA A 41 4.79 11.59 18.84
C ALA A 41 4.71 11.94 20.32
N SER A 42 5.41 11.17 21.16
CA SER A 42 5.45 11.48 22.58
C SER A 42 5.96 12.90 22.79
N LEU A 43 7.15 13.21 22.25
CA LEU A 43 7.72 14.54 22.44
C LEU A 43 6.86 15.61 21.79
N ALA A 44 6.38 15.35 20.57
CA ALA A 44 5.60 16.36 19.86
C ALA A 44 4.30 16.69 20.59
N LEU A 45 3.65 15.69 21.20
CA LEU A 45 2.35 15.91 21.81
C LEU A 45 2.42 16.19 23.31
N SER A 46 3.61 16.12 23.91
CA SER A 46 3.76 16.28 25.36
C SER A 46 2.87 15.31 26.13
N ILE A 47 2.97 14.03 25.80
CA ILE A 47 2.33 12.96 26.55
C ILE A 47 3.33 11.84 26.77
N SER A 48 3.08 11.04 27.80
CA SER A 48 3.97 9.94 28.11
C SER A 48 4.02 8.94 26.95
N PRO A 49 5.10 8.17 26.87
CA PRO A 49 5.11 7.06 25.91
C PRO A 49 3.96 6.08 26.15
N SER A 50 3.59 5.87 27.41
CA SER A 50 2.49 4.97 27.70
C SER A 50 1.19 5.48 27.08
N ALA A 51 0.95 6.78 27.19
CA ALA A 51 -0.25 7.37 26.58
C ALA A 51 -0.26 7.15 25.07
N VAL A 52 0.88 7.37 24.39
CA VAL A 52 0.97 7.09 22.95
C VAL A 52 0.61 5.65 22.65
N SER A 53 1.26 4.71 23.34
CA SER A 53 0.98 3.29 23.15
C SER A 53 -0.48 2.97 23.43
N GLN A 54 -1.02 3.47 24.55
CA GLN A 54 -2.42 3.20 24.89
C GLN A 54 -3.36 3.72 23.81
N ARG A 55 -3.10 4.93 23.31
CA ARG A 55 -3.97 5.49 22.29
C ARG A 55 -3.94 4.67 21.01
N VAL A 56 -2.73 4.24 20.59
CA VAL A 56 -2.63 3.38 19.41
C VAL A 56 -3.35 2.07 19.65
N LYS A 57 -3.09 1.43 20.80
CA LYS A 57 -3.77 0.18 21.13
C LYS A 57 -5.27 0.34 20.99
N ALA A 58 -5.84 1.40 21.57
CA ALA A 58 -7.27 1.60 21.49
C ALA A 58 -7.73 1.79 20.05
N LEU A 59 -7.06 2.69 19.31
CA LEU A 59 -7.46 2.90 17.93
C LEU A 59 -7.38 1.62 17.11
N GLU A 60 -6.31 0.83 17.31
CA GLU A 60 -6.18 -0.43 16.57
C GLU A 60 -7.28 -1.42 16.97
N HIS A 61 -7.61 -1.49 18.26
CA HIS A 61 -8.67 -2.40 18.68
C HIS A 61 -10.02 -1.94 18.15
N HIS A 62 -10.21 -0.62 18.00
CA HIS A 62 -11.43 -0.11 17.40
C HIS A 62 -11.55 -0.54 15.94
N VAL A 63 -10.43 -0.50 15.21
CA VAL A 63 -10.47 -0.85 13.80
C VAL A 63 -10.41 -2.36 13.61
N GLY A 64 -9.68 -3.08 14.46
CA GLY A 64 -9.45 -4.50 14.24
C GLY A 64 -8.25 -4.81 13.38
N ARG A 65 -7.35 -3.85 13.18
CA ARG A 65 -6.16 -4.04 12.36
C ARG A 65 -5.02 -3.25 12.96
N VAL A 66 -3.80 -3.72 12.69
CA VAL A 66 -2.64 -2.92 13.00
C VAL A 66 -2.63 -1.70 12.08
N LEU A 67 -2.39 -0.53 12.66
CA LEU A 67 -2.52 0.71 11.90
C LEU A 67 -1.18 1.31 11.50
N VAL A 68 -0.12 1.08 12.27
CA VAL A 68 1.17 1.69 12.00
C VAL A 68 2.29 0.71 12.35
N SER A 69 3.38 0.78 11.59
CA SER A 69 4.52 -0.11 11.84
C SER A 69 5.25 0.30 13.12
N ARG A 70 5.74 -0.71 13.85
CA ARG A 70 6.49 -0.46 15.07
C ARG A 70 7.97 -0.23 14.79
N THR A 71 8.32 0.04 13.55
CA THR A 71 9.67 0.36 13.13
C THR A 71 9.81 1.86 12.90
N GLN A 72 11.01 2.27 12.52
CA GLN A 72 11.28 3.68 12.28
C GLN A 72 12.02 3.78 10.94
N PRO A 73 11.57 4.66 10.03
CA PRO A 73 10.42 5.55 10.20
C PRO A 73 9.10 4.80 10.23
N ALA A 74 8.16 5.29 11.05
CA ALA A 74 6.88 4.65 11.19
C ALA A 74 6.09 4.74 9.88
N LYS A 75 5.51 3.63 9.45
CA LYS A 75 4.71 3.56 8.25
C LYS A 75 3.31 3.08 8.56
N ALA A 76 2.32 3.72 7.95
CA ALA A 76 0.94 3.26 8.07
C ALA A 76 0.72 1.97 7.28
N THR A 77 0.00 1.03 7.88
CA THR A 77 -0.43 -0.14 7.13
C THR A 77 -1.43 0.25 6.06
N GLU A 78 -1.90 -0.76 5.33
CA GLU A 78 -2.92 -0.51 4.32
C GLU A 78 -4.18 0.03 4.99
N ALA A 79 -4.63 -0.61 6.07
CA ALA A 79 -5.78 -0.10 6.80
C ALA A 79 -5.47 1.26 7.41
N GLY A 80 -4.24 1.42 7.94
CA GLY A 80 -3.86 2.67 8.55
C GLY A 80 -3.85 3.85 7.60
N GLU A 81 -3.52 3.60 6.34
CA GLU A 81 -3.50 4.68 5.36
C GLU A 81 -4.86 5.39 5.29
N VAL A 82 -5.96 4.65 5.45
CA VAL A 82 -7.27 5.28 5.44
C VAL A 82 -7.33 6.37 6.52
N LEU A 83 -7.00 5.99 7.75
CA LEU A 83 -7.12 6.95 8.84
C LEU A 83 -6.18 8.12 8.64
N VAL A 84 -4.96 7.85 8.17
CA VAL A 84 -4.01 8.93 7.95
C VAL A 84 -4.54 9.92 6.94
N GLN A 85 -5.01 9.41 5.78
CA GLN A 85 -5.62 10.28 4.79
C GLN A 85 -6.74 11.10 5.42
N ALA A 86 -7.62 10.45 6.17
CA ALA A 86 -8.69 11.18 6.85
C ALA A 86 -8.13 12.26 7.78
N ALA A 87 -7.07 11.95 8.53
CA ALA A 87 -6.52 12.94 9.45
C ALA A 87 -5.97 14.15 8.71
N ARG A 88 -5.28 13.95 7.58
CA ARG A 88 -4.79 15.10 6.81
C ARG A 88 -5.93 15.91 6.20
N LYS A 89 -7.05 15.26 5.87
CA LYS A 89 -8.23 16.00 5.44
C LYS A 89 -8.70 16.94 6.54
N MET A 90 -8.77 16.42 7.78
CA MET A 90 -9.22 17.26 8.88
C MET A 90 -8.27 18.42 9.11
N VAL A 91 -6.96 18.19 8.89
CA VAL A 91 -6.00 19.26 9.05
C VAL A 91 -6.27 20.38 8.03
N LEU A 92 -6.63 19.99 6.79
CA LEU A 92 -6.96 20.98 5.77
C LEU A 92 -8.21 21.78 6.13
N LEU A 93 -9.25 21.10 6.61
CA LEU A 93 -10.44 21.82 7.07
C LEU A 93 -10.07 22.81 8.16
N GLN A 94 -9.31 22.36 9.16
CA GLN A 94 -8.97 23.21 10.28
C GLN A 94 -8.23 24.46 9.82
N ALA A 95 -7.30 24.32 8.86
CA ALA A 95 -6.57 25.48 8.37
C ALA A 95 -7.48 26.44 7.62
N GLU A 96 -8.37 25.92 6.77
CA GLU A 96 -9.30 26.80 6.08
C GLU A 96 -10.20 27.53 7.07
N THR A 97 -10.65 26.81 8.11
CA THR A 97 -11.49 27.43 9.14
C THR A 97 -10.73 28.52 9.88
N LYS A 98 -9.55 28.19 10.40
CA LYS A 98 -8.72 29.19 11.06
C LYS A 98 -8.52 30.40 10.15
N ALA A 99 -8.31 30.15 8.86
CA ALA A 99 -8.06 31.25 7.92
C ALA A 99 -9.30 32.13 7.77
N GLN A 100 -10.49 31.53 7.74
CA GLN A 100 -11.71 32.33 7.59
C GLN A 100 -11.92 33.25 8.78
N LEU A 101 -11.83 32.72 10.00
CA LEU A 101 -11.97 33.55 11.18
C LEU A 101 -10.88 34.62 11.24
N SER A 102 -9.66 34.26 10.85
CA SER A 102 -8.50 35.14 10.98
C SER A 102 -8.69 36.48 10.30
N GLY A 103 -9.42 36.53 9.19
CA GLY A 103 -9.46 37.75 8.42
C GLY A 103 -8.20 37.96 7.60
N ARG A 104 -7.71 36.89 6.96
CA ARG A 104 -6.53 36.96 6.13
C ARG A 104 -6.61 35.83 5.11
N LEU A 105 -5.88 36.02 4.01
CA LEU A 105 -5.83 35.00 2.97
C LEU A 105 -5.30 33.71 3.55
N ALA A 106 -5.81 32.58 3.05
CA ALA A 106 -5.56 31.29 3.70
C ALA A 106 -4.08 30.92 3.73
N GLU A 107 -3.39 30.98 2.60
CA GLU A 107 -1.99 30.55 2.52
C GLU A 107 -1.80 29.06 2.81
N ILE A 108 -2.42 28.21 2.01
CA ILE A 108 -2.46 26.76 2.21
C ILE A 108 -1.56 26.08 1.17
N PRO A 109 -0.63 25.22 1.57
CA PRO A 109 0.20 24.53 0.56
C PRO A 109 -0.60 23.39 -0.07
N LEU A 110 -0.66 23.38 -1.41
CA LEU A 110 -1.33 22.30 -2.15
C LEU A 110 -0.31 21.35 -2.76
N THR A 111 -0.45 20.06 -2.47
CA THR A 111 0.47 19.05 -2.98
C THR A 111 -0.24 18.20 -4.03
N ILE A 112 0.36 18.13 -5.21
CA ILE A 112 -0.24 17.53 -6.38
C ILE A 112 0.74 16.53 -6.97
N ALA A 113 0.23 15.38 -7.41
CA ALA A 113 0.99 14.48 -8.26
C ALA A 113 0.51 14.68 -9.70
N ILE A 114 1.48 14.79 -10.61
CA ILE A 114 1.20 15.08 -12.01
C ILE A 114 2.22 14.29 -12.83
N ASN A 115 1.87 14.02 -14.08
CA ASN A 115 2.81 13.38 -14.99
C ASN A 115 3.47 14.44 -15.86
N ALA A 116 4.68 14.10 -16.36
CA ALA A 116 5.47 15.05 -17.12
C ALA A 116 4.74 15.54 -18.36
N ASP A 117 3.93 14.70 -19.00
CA ASP A 117 3.27 15.10 -20.23
C ASP A 117 2.19 16.17 -19.96
N SER A 118 1.49 16.09 -18.82
CA SER A 118 0.53 17.13 -18.49
C SER A 118 1.22 18.43 -18.12
N LEU A 119 2.30 18.33 -17.31
CA LEU A 119 2.99 19.52 -16.84
C LEU A 119 3.59 20.32 -18.00
N SER A 120 4.07 19.63 -19.03
CA SER A 120 4.72 20.30 -20.16
C SER A 120 3.76 20.76 -21.25
N THR A 121 2.47 20.42 -21.18
CA THR A 121 1.56 20.87 -22.23
C THR A 121 0.48 21.79 -21.66
N TRP A 122 -0.62 21.23 -21.16
CA TRP A 122 -1.80 22.03 -20.84
C TRP A 122 -1.81 22.58 -19.41
N PHE A 123 -0.95 22.09 -18.52
CA PHE A 123 -1.15 22.42 -17.11
C PHE A 123 -0.69 23.83 -16.71
N PRO A 124 0.37 24.38 -17.29
CA PRO A 124 0.98 25.62 -16.72
C PRO A 124 -0.02 26.75 -16.47
N PRO A 125 -1.09 26.89 -17.26
CA PRO A 125 -2.05 27.97 -16.96
C PRO A 125 -2.58 27.95 -15.54
N VAL A 126 -2.58 26.78 -14.91
CA VAL A 126 -2.96 26.69 -13.50
C VAL A 126 -2.07 27.57 -12.63
N PHE A 127 -0.78 27.72 -12.99
CA PHE A 127 0.12 28.58 -12.22
C PHE A 127 -0.45 29.99 -12.08
N ASN A 128 -0.95 30.56 -13.18
CA ASN A 128 -1.52 31.91 -13.11
C ASN A 128 -2.63 31.96 -12.07
N GLU A 129 -3.56 30.98 -12.13
CA GLU A 129 -4.70 30.98 -11.23
C GLU A 129 -4.27 30.92 -9.78
N VAL A 130 -3.40 29.95 -9.45
CA VAL A 130 -2.93 29.82 -8.08
C VAL A 130 -2.24 31.10 -7.63
N ALA A 131 -1.44 31.70 -8.50
CA ALA A 131 -0.73 32.91 -8.11
C ALA A 131 -1.69 34.00 -7.67
N SER A 132 -2.85 34.10 -8.34
CA SER A 132 -3.74 35.21 -8.04
C SER A 132 -4.42 35.09 -6.68
N TRP A 133 -4.37 33.92 -6.03
CA TRP A 133 -5.06 33.73 -4.76
C TRP A 133 -4.35 34.49 -3.65
N GLY A 134 -4.67 34.17 -2.40
CA GLY A 134 -3.97 34.78 -1.29
C GLY A 134 -2.49 34.50 -1.28
N GLY A 135 -2.09 33.47 -0.54
CA GLY A 135 -0.70 33.05 -0.56
C GLY A 135 -0.57 31.54 -0.61
N ALA A 136 -1.35 30.91 -1.49
CA ALA A 136 -1.28 29.47 -1.63
C ALA A 136 -0.01 29.10 -2.39
N THR A 137 0.48 27.89 -2.16
CA THR A 137 1.67 27.41 -2.83
C THR A 137 1.37 26.05 -3.43
N LEU A 138 2.08 25.74 -4.50
CA LEU A 138 2.02 24.44 -5.14
C LEU A 138 3.29 23.66 -4.85
N THR A 139 3.11 22.39 -4.56
CA THR A 139 4.20 21.43 -4.53
C THR A 139 3.82 20.38 -5.54
N LEU A 140 4.50 20.38 -6.69
CA LEU A 140 4.23 19.41 -7.73
C LEU A 140 5.16 18.23 -7.58
N ARG A 141 4.60 17.03 -7.60
CA ARG A 141 5.38 15.80 -7.61
C ARG A 141 5.18 15.10 -8.94
N LEU A 142 6.29 14.86 -9.63
CA LEU A 142 6.29 14.10 -10.88
C LEU A 142 6.45 12.61 -10.54
N GLU A 143 5.42 11.82 -10.79
CA GLU A 143 5.40 10.43 -10.34
C GLU A 143 4.87 9.53 -11.43
N ASP A 144 5.32 8.27 -11.40
CA ASP A 144 4.71 7.26 -12.26
C ASP A 144 3.31 6.93 -11.75
N GLU A 145 2.58 6.15 -12.53
CA GLU A 145 1.17 5.90 -12.22
C GLU A 145 1.01 5.23 -10.85
N ALA A 146 1.88 4.28 -10.52
CA ALA A 146 1.69 3.50 -9.29
C ALA A 146 1.93 4.34 -8.05
N HIS A 147 3.08 5.02 -7.98
CA HIS A 147 3.37 5.86 -6.81
C HIS A 147 2.35 6.98 -6.68
N THR A 148 1.92 7.54 -7.81
CA THR A 148 0.92 8.60 -7.79
C THR A 148 -0.31 8.17 -7.01
N LEU A 149 -0.84 6.99 -7.33
CA LEU A 149 -2.02 6.50 -6.63
C LEU A 149 -1.70 6.24 -5.16
N SER A 150 -0.50 5.74 -4.86
CA SER A 150 -0.11 5.52 -3.47
C SER A 150 -0.08 6.84 -2.70
N LEU A 151 0.48 7.89 -3.29
CA LEU A 151 0.49 9.20 -2.62
C LEU A 151 -0.92 9.66 -2.30
N LEU A 152 -1.82 9.54 -3.27
CA LEU A 152 -3.24 9.87 -3.06
C LEU A 152 -3.83 9.04 -1.91
N ARG A 153 -3.65 7.71 -1.97
CA ARG A 153 -4.20 6.81 -0.96
C ARG A 153 -3.80 7.22 0.46
N ARG A 154 -2.50 7.44 0.69
CA ARG A 154 -2.03 7.72 2.05
C ARG A 154 -2.19 9.18 2.45
N GLY A 155 -2.59 10.04 1.53
CA GLY A 155 -2.80 11.44 1.83
C GLY A 155 -1.60 12.33 1.61
N ASP A 156 -0.51 11.82 1.03
CA ASP A 156 0.69 12.62 0.77
C ASP A 156 0.49 13.62 -0.34
N VAL A 157 -0.51 13.44 -1.20
CA VAL A 157 -0.98 14.48 -2.10
C VAL A 157 -2.50 14.54 -1.94
N LEU A 158 -3.06 15.74 -2.12
CA LEU A 158 -4.51 15.92 -2.06
C LEU A 158 -5.16 15.87 -3.44
N GLY A 159 -4.38 15.98 -4.52
CA GLY A 159 -4.91 15.85 -5.86
C GLY A 159 -3.87 15.21 -6.76
N ALA A 160 -4.33 14.70 -7.90
CA ALA A 160 -3.41 14.08 -8.83
C ALA A 160 -4.02 14.03 -10.23
N VAL A 161 -3.20 14.33 -11.22
CA VAL A 161 -3.53 14.07 -12.61
C VAL A 161 -3.07 12.65 -12.94
N THR A 162 -3.96 11.85 -13.52
CA THR A 162 -3.69 10.42 -13.65
C THR A 162 -4.44 9.83 -14.83
N ARG A 163 -3.89 8.73 -15.37
CA ARG A 163 -4.57 7.88 -16.35
C ARG A 163 -5.58 6.94 -15.72
N GLU A 164 -5.60 6.82 -14.40
CA GLU A 164 -6.48 5.89 -13.71
C GLU A 164 -7.88 6.47 -13.58
N ALA A 165 -8.88 5.76 -14.08
CA ALA A 165 -10.26 6.24 -14.01
C ALA A 165 -10.95 5.84 -12.70
N ASN A 166 -10.53 4.74 -12.07
CA ASN A 166 -11.22 4.32 -10.86
C ASN A 166 -10.74 5.12 -9.66
N PRO A 167 -11.65 5.63 -8.83
CA PRO A 167 -11.24 6.52 -7.75
C PRO A 167 -10.52 5.78 -6.64
N VAL A 168 -9.38 6.31 -6.20
CA VAL A 168 -8.74 5.71 -5.05
C VAL A 168 -9.57 6.03 -3.82
N ALA A 169 -9.52 5.15 -2.83
CA ALA A 169 -10.28 5.30 -1.60
C ALA A 169 -10.11 6.71 -1.03
N GLY A 170 -11.24 7.34 -0.67
CA GLY A 170 -11.21 8.68 -0.10
C GLY A 170 -11.23 9.80 -1.12
N CYS A 171 -11.25 9.50 -2.40
CA CYS A 171 -11.14 10.52 -3.45
C CYS A 171 -12.32 10.42 -4.40
N GLU A 172 -12.54 11.51 -5.10
CA GLU A 172 -13.50 11.58 -6.21
C GLU A 172 -12.72 11.83 -7.48
N VAL A 173 -13.32 11.45 -8.61
CA VAL A 173 -12.62 11.51 -9.89
C VAL A 173 -13.37 12.44 -10.83
N VAL A 174 -12.60 13.10 -11.68
CA VAL A 174 -13.13 13.98 -12.71
C VAL A 174 -12.41 13.64 -14.00
N GLU A 175 -13.16 13.46 -15.08
CA GLU A 175 -12.53 13.25 -16.37
C GLU A 175 -12.08 14.60 -16.92
N LEU A 176 -10.83 14.68 -17.36
CA LEU A 176 -10.32 15.94 -17.88
C LEU A 176 -10.38 16.03 -19.39
N GLY A 177 -10.39 14.90 -20.07
CA GLY A 177 -10.23 14.89 -21.50
C GLY A 177 -9.12 13.95 -21.88
N THR A 178 -8.76 13.98 -23.16
CA THR A 178 -7.92 12.97 -23.76
C THR A 178 -6.63 13.61 -24.22
N MET A 179 -5.53 12.96 -23.91
CA MET A 179 -4.20 13.34 -24.35
C MET A 179 -3.84 12.49 -25.57
N ARG A 180 -3.42 13.13 -26.65
CA ARG A 180 -3.08 12.44 -27.88
C ARG A 180 -1.57 12.44 -28.08
N HIS A 181 -1.02 11.25 -28.32
CA HIS A 181 0.39 11.08 -28.67
C HIS A 181 0.52 10.71 -30.13
N LEU A 182 1.56 11.24 -30.78
CA LEU A 182 1.85 10.94 -32.17
C LEU A 182 3.18 10.22 -32.27
N ALA A 183 3.27 9.28 -33.21
CA ALA A 183 4.51 8.57 -33.47
C ALA A 183 5.27 9.37 -34.52
N ILE A 184 6.38 9.98 -34.11
CA ILE A 184 7.10 10.90 -34.99
C ILE A 184 8.58 10.54 -35.04
N ALA A 185 9.21 10.96 -36.13
CA ALA A 185 10.66 10.84 -36.29
C ALA A 185 11.09 11.84 -37.33
N THR A 186 12.40 12.12 -37.38
CA THR A 186 12.88 12.96 -38.47
C THR A 186 12.83 12.19 -39.77
N PRO A 187 12.59 12.89 -40.88
CA PRO A 187 12.67 12.20 -42.19
C PRO A 187 13.98 11.45 -42.38
N SER A 188 15.12 12.04 -42.02
CA SER A 188 16.39 11.36 -42.22
C SER A 188 16.43 10.07 -41.40
N LEU A 189 15.97 10.12 -40.16
CA LEU A 189 15.99 8.91 -39.33
C LEU A 189 15.11 7.83 -39.94
N ARG A 190 13.87 8.18 -40.29
CA ARG A 190 12.99 7.22 -40.97
C ARG A 190 13.67 6.62 -42.20
N ASP A 191 14.21 7.47 -43.08
CA ASP A 191 14.86 6.95 -44.28
C ASP A 191 15.99 6.00 -43.94
N ALA A 192 16.70 6.25 -42.84
CA ALA A 192 17.83 5.39 -42.48
C ALA A 192 17.37 3.97 -42.14
N TYR A 193 16.14 3.81 -41.68
CA TYR A 193 15.63 2.50 -41.28
C TYR A 193 14.55 1.99 -42.24
N MET A 194 14.46 2.57 -43.43
CA MET A 194 13.71 1.98 -44.51
C MET A 194 14.54 0.87 -45.13
N VAL A 195 13.94 -0.30 -45.31
CA VAL A 195 14.63 -1.44 -45.89
C VAL A 195 13.71 -2.08 -46.90
N ASP A 196 14.08 -1.99 -48.18
CA ASP A 196 13.31 -2.64 -49.23
C ASP A 196 11.88 -2.11 -49.27
N GLY A 197 11.71 -0.83 -48.96
CA GLY A 197 10.41 -0.19 -49.00
C GLY A 197 9.58 -0.37 -47.75
N LYS A 198 10.12 -0.98 -46.70
CA LYS A 198 9.38 -1.21 -45.46
C LYS A 198 10.20 -0.73 -44.27
N LEU A 199 9.56 -0.04 -43.34
CA LEU A 199 10.29 0.53 -42.21
C LEU A 199 10.55 -0.56 -41.17
N ASP A 200 11.81 -0.65 -40.72
CA ASP A 200 12.24 -1.63 -39.72
C ASP A 200 12.07 -1.01 -38.32
N TRP A 201 10.85 -1.10 -37.81
CA TRP A 201 10.52 -0.50 -36.51
C TRP A 201 11.45 -1.00 -35.40
N ALA A 202 11.69 -2.31 -35.35
CA ALA A 202 12.47 -2.87 -34.25
C ALA A 202 13.90 -2.32 -34.26
N ALA A 203 14.48 -2.11 -35.44
CA ALA A 203 15.86 -1.66 -35.53
C ALA A 203 16.01 -0.16 -35.30
N MET A 204 14.94 0.59 -35.42
CA MET A 204 15.04 2.03 -35.30
C MET A 204 15.25 2.44 -33.85
N PRO A 205 16.28 3.22 -33.54
CA PRO A 205 16.46 3.72 -32.17
C PRO A 205 15.24 4.53 -31.73
N VAL A 206 14.86 4.36 -30.47
CA VAL A 206 13.65 4.98 -29.93
C VAL A 206 14.02 5.79 -28.69
N LEU A 207 13.22 6.83 -28.42
CA LEU A 207 13.37 7.63 -27.21
C LEU A 207 12.45 7.13 -26.10
N ARG A 208 12.95 7.15 -24.86
CA ARG A 208 12.16 6.77 -23.69
C ARG A 208 12.42 7.78 -22.59
N PHE A 209 11.40 8.01 -21.76
CA PHE A 209 11.51 8.97 -20.66
C PHE A 209 12.24 8.38 -19.46
N GLY A 210 12.20 7.05 -19.29
CA GLY A 210 12.90 6.40 -18.21
C GLY A 210 13.08 4.92 -18.49
N PRO A 211 13.72 4.19 -17.56
CA PRO A 211 13.85 2.74 -17.72
C PRO A 211 12.56 2.00 -17.33
N ASP A 217 7.50 -3.90 -24.26
CA ASP A 217 7.73 -3.63 -25.68
C ASP A 217 6.40 -3.27 -26.37
N ARG A 218 5.51 -2.64 -25.58
CA ARG A 218 4.16 -2.31 -26.02
C ARG A 218 4.15 -1.40 -27.25
N ASP A 219 5.16 -0.54 -27.40
CA ASP A 219 5.09 0.52 -28.40
C ASP A 219 5.12 0.01 -29.84
N LEU A 220 5.45 -1.26 -30.07
CA LEU A 220 5.45 -1.82 -31.41
C LEU A 220 4.21 -2.66 -31.72
N ASP A 221 3.32 -2.86 -30.75
CA ASP A 221 2.10 -3.60 -31.00
C ASP A 221 1.43 -3.12 -32.27
N GLY A 222 1.07 -4.06 -33.14
CA GLY A 222 0.48 -3.71 -34.41
C GLY A 222 1.39 -3.00 -35.38
N ARG A 223 2.69 -2.91 -35.09
CA ARG A 223 3.68 -2.42 -36.03
C ARG A 223 4.65 -3.49 -36.48
N VAL A 224 4.86 -4.52 -35.65
CA VAL A 224 5.70 -5.65 -36.01
C VAL A 224 4.93 -6.92 -35.66
N ASP A 225 5.11 -7.94 -36.48
CA ASP A 225 4.45 -9.22 -36.23
C ASP A 225 5.32 -10.08 -35.32
N GLY A 226 6.38 -10.68 -35.88
CA GLY A 226 7.11 -11.69 -35.17
C GLY A 226 7.83 -11.14 -33.95
N PRO A 227 8.59 -12.01 -33.29
CA PRO A 227 9.32 -11.59 -32.08
C PRO A 227 10.30 -10.47 -32.37
N VAL A 228 10.37 -9.54 -31.43
CA VAL A 228 11.21 -8.35 -31.57
C VAL A 228 12.55 -8.62 -30.89
N GLY A 229 13.64 -8.30 -31.57
CA GLY A 229 14.94 -8.46 -30.95
C GLY A 229 15.17 -7.38 -29.90
N ARG A 230 16.41 -7.32 -29.43
CA ARG A 230 16.78 -6.17 -28.61
C ARG A 230 16.50 -4.89 -29.39
N ARG A 231 16.44 -3.79 -28.67
CA ARG A 231 16.13 -2.52 -29.27
C ARG A 231 17.10 -1.48 -28.77
N ARG A 232 17.35 -0.49 -29.61
CA ARG A 232 18.22 0.61 -29.25
C ARG A 232 17.37 1.73 -28.67
N VAL A 233 17.70 2.09 -27.43
CA VAL A 233 16.91 2.99 -26.61
C VAL A 233 17.81 4.09 -26.11
N SER A 234 17.38 5.34 -26.28
CA SER A 234 17.94 6.46 -25.54
C SER A 234 16.91 6.90 -24.50
N ILE A 235 17.42 7.28 -23.33
CA ILE A 235 16.59 7.72 -22.22
C ILE A 235 16.93 9.18 -21.94
N VAL A 236 15.91 10.03 -22.03
CA VAL A 236 16.04 11.45 -21.71
C VAL A 236 14.94 11.79 -20.70
N PRO A 237 15.28 11.98 -19.43
CA PRO A 237 14.24 12.03 -18.38
C PRO A 237 13.61 13.40 -18.19
N SER A 238 13.36 14.12 -19.28
CA SER A 238 12.54 15.32 -19.20
C SER A 238 11.69 15.42 -20.45
N ALA A 239 10.46 15.90 -20.28
CA ALA A 239 9.55 16.00 -21.41
C ALA A 239 10.16 16.82 -22.54
N GLU A 240 10.83 17.92 -22.19
CA GLU A 240 11.35 18.80 -23.23
C GLU A 240 12.61 18.22 -23.88
N GLY A 241 13.49 17.60 -23.10
CA GLY A 241 14.64 16.95 -23.70
C GLY A 241 14.25 15.75 -24.54
N PHE A 242 13.25 15.00 -24.08
CA PHE A 242 12.67 13.93 -24.86
C PHE A 242 12.24 14.43 -26.24
N GLY A 243 11.47 15.51 -26.27
CA GLY A 243 11.07 16.08 -27.55
C GLY A 243 12.27 16.54 -28.37
N GLU A 244 13.25 17.15 -27.71
CA GLU A 244 14.43 17.63 -28.41
C GLU A 244 15.21 16.47 -29.04
N ALA A 245 15.32 15.34 -28.34
CA ALA A 245 16.03 14.18 -28.88
C ALA A 245 15.34 13.62 -30.13
N ILE A 246 14.01 13.56 -30.10
CA ILE A 246 13.28 13.14 -31.29
C ILE A 246 13.50 14.15 -32.42
N ARG A 247 13.28 15.41 -32.10
CA ARG A 247 13.44 16.51 -33.04
C ARG A 247 14.79 16.45 -33.75
N ARG A 248 15.82 15.93 -33.08
CA ARG A 248 17.19 15.97 -33.57
C ARG A 248 17.69 14.62 -34.07
N GLY A 249 16.80 13.65 -34.27
CA GLY A 249 17.15 12.40 -34.91
C GLY A 249 17.70 11.31 -34.01
N LEU A 250 17.82 11.53 -32.70
CA LEU A 250 18.38 10.49 -31.85
C LEU A 250 17.52 9.23 -31.83
N GLY A 251 16.25 9.36 -32.14
CA GLY A 251 15.33 8.24 -32.13
C GLY A 251 13.94 8.73 -32.45
N TRP A 252 13.08 7.78 -32.80
CA TRP A 252 11.69 8.13 -32.90
C TRP A 252 11.07 8.08 -31.52
N GLY A 253 9.83 8.53 -31.40
CA GLY A 253 9.15 8.44 -30.13
C GLY A 253 7.69 8.84 -30.25
N LEU A 254 6.94 8.48 -29.23
CA LEU A 254 5.55 8.89 -29.07
C LEU A 254 5.54 10.20 -28.29
N LEU A 255 5.14 11.28 -28.94
CA LEU A 255 5.21 12.63 -28.38
C LEU A 255 3.82 13.25 -28.36
N PRO A 256 3.46 13.98 -27.30
CA PRO A 256 2.12 14.61 -27.26
C PRO A 256 1.95 15.56 -28.44
N GLU A 257 0.78 15.49 -29.09
CA GLU A 257 0.58 16.28 -30.30
C GLU A 257 0.85 17.76 -30.07
N THR A 258 0.57 18.25 -28.86
CA THR A 258 0.93 19.63 -28.52
C THR A 258 2.41 19.88 -28.73
N GLN A 259 3.27 19.00 -28.20
CA GLN A 259 4.70 19.19 -28.38
C GLN A 259 5.10 18.97 -29.83
N ALA A 260 4.47 18.02 -30.51
CA ALA A 260 4.93 17.64 -31.82
C ALA A 260 4.48 18.62 -32.89
N ALA A 261 3.36 19.31 -32.65
CA ALA A 261 2.78 20.17 -33.68
C ALA A 261 3.77 21.14 -34.30
N PRO A 262 4.54 21.91 -33.53
CA PRO A 262 5.49 22.85 -34.17
C PRO A 262 6.56 22.15 -34.99
N MET A 263 7.11 21.02 -34.51
CA MET A 263 8.10 20.32 -35.30
C MET A 263 7.52 19.84 -36.61
N LEU A 264 6.28 19.32 -36.59
CA LEU A 264 5.64 18.90 -37.83
C LEU A 264 5.44 20.08 -38.76
N LYS A 265 5.00 21.22 -38.21
CA LYS A 265 4.80 22.39 -39.03
C LYS A 265 6.11 22.89 -39.62
N ALA A 266 7.20 22.78 -38.87
CA ALA A 266 8.51 23.19 -39.37
C ALA A 266 9.13 22.13 -40.28
N GLY A 267 8.47 21.01 -40.50
CA GLY A 267 9.08 19.94 -41.27
C GLY A 267 10.24 19.26 -40.59
N GLU A 268 10.45 19.51 -39.30
CA GLU A 268 11.58 18.90 -38.60
C GLU A 268 11.37 17.42 -38.39
N VAL A 269 10.13 17.01 -38.14
CA VAL A 269 9.79 15.60 -37.99
C VAL A 269 8.60 15.29 -38.88
N ILE A 270 8.34 14.00 -39.05
CA ILE A 270 7.21 13.54 -39.83
C ILE A 270 6.43 12.53 -38.99
N LEU A 271 5.20 12.29 -39.40
CA LEU A 271 4.37 11.25 -38.80
C LEU A 271 4.81 9.90 -39.35
N LEU A 272 5.19 8.99 -38.45
CA LEU A 272 5.41 7.61 -38.85
C LEU A 272 4.12 6.85 -39.05
N ASP A 273 2.97 7.49 -38.82
CA ASP A 273 1.75 6.75 -38.62
C ASP A 273 0.58 7.72 -38.55
N GLU A 274 -0.47 7.45 -39.32
CA GLU A 274 -1.67 8.28 -39.25
C GLU A 274 -2.57 7.91 -38.08
N ILE A 275 -2.20 6.90 -37.30
CA ILE A 275 -3.03 6.41 -36.20
C ILE A 275 -2.52 7.05 -34.91
N PRO A 276 -3.24 8.02 -34.34
CA PRO A 276 -2.82 8.57 -33.05
C PRO A 276 -3.10 7.58 -31.94
N ILE A 277 -2.45 7.83 -30.80
CA ILE A 277 -2.69 7.10 -29.58
C ILE A 277 -3.28 8.06 -28.57
N ASP A 278 -4.52 7.79 -28.16
CA ASP A 278 -5.28 8.65 -27.26
C ASP A 278 -5.32 8.05 -25.87
N THR A 279 -5.11 8.89 -24.87
CA THR A 279 -5.07 8.46 -23.46
C THR A 279 -6.00 9.33 -22.62
N PRO A 280 -7.13 8.80 -22.15
CA PRO A 280 -7.98 9.60 -21.26
C PRO A 280 -7.25 9.98 -19.98
N MET A 281 -7.49 11.19 -19.53
CA MET A 281 -6.88 11.72 -18.32
C MET A 281 -7.94 12.08 -17.30
N TYR A 282 -7.55 11.98 -16.03
CA TYR A 282 -8.45 12.20 -14.92
C TYR A 282 -7.78 13.07 -13.87
N TRP A 283 -8.59 13.79 -13.12
CA TRP A 283 -8.19 14.54 -11.95
C TRP A 283 -8.83 13.86 -10.75
N GLN A 284 -8.01 13.42 -9.80
CA GLN A 284 -8.48 12.77 -8.59
C GLN A 284 -8.15 13.67 -7.41
N ARG A 285 -9.14 13.91 -6.55
CA ARG A 285 -8.97 14.80 -5.42
C ARG A 285 -9.60 14.18 -4.18
N TRP A 286 -9.09 14.57 -3.03
CA TRP A 286 -9.70 14.16 -1.76
C TRP A 286 -11.19 14.50 -1.77
N ARG A 287 -12.01 13.56 -1.32
CA ARG A 287 -13.43 13.86 -1.07
C ARG A 287 -13.51 14.65 0.24
N LEU A 288 -13.78 15.95 0.13
CA LEU A 288 -13.77 16.87 1.27
C LEU A 288 -14.45 18.17 0.85
N GLU A 289 -15.22 18.77 1.76
CA GLU A 289 -15.85 20.07 1.54
C GLU A 289 -14.82 21.17 1.76
N SER A 290 -13.85 21.22 0.85
CA SER A 290 -12.70 22.10 0.92
C SER A 290 -12.80 23.18 -0.14
N ARG A 291 -12.73 24.44 0.29
CA ARG A 291 -12.79 25.53 -0.68
C ARG A 291 -11.49 25.66 -1.47
N SER A 292 -10.34 25.32 -0.87
CA SER A 292 -9.10 25.28 -1.65
C SER A 292 -9.17 24.20 -2.71
N LEU A 293 -9.55 22.99 -2.29
CA LEU A 293 -9.62 21.86 -3.21
C LEU A 293 -10.61 22.14 -4.34
N ALA A 294 -11.77 22.71 -4.02
CA ALA A 294 -12.72 23.08 -5.06
C ALA A 294 -12.11 24.08 -6.04
N ARG A 295 -11.39 25.06 -5.51
CA ARG A 295 -10.78 26.10 -6.34
C ARG A 295 -9.68 25.53 -7.23
N LEU A 296 -8.79 24.72 -6.65
CA LEU A 296 -7.75 24.08 -7.42
C LEU A 296 -8.35 23.23 -8.53
N THR A 297 -9.37 22.44 -8.19
CA THR A 297 -10.02 21.61 -9.19
C THR A 297 -10.52 22.46 -10.37
N ASP A 298 -11.24 23.54 -10.08
CA ASP A 298 -11.70 24.42 -11.16
C ASP A 298 -10.56 24.85 -12.06
N ALA A 299 -9.44 25.26 -11.47
CA ALA A 299 -8.31 25.71 -12.29
C ALA A 299 -7.80 24.58 -13.20
N VAL A 300 -7.69 23.37 -12.65
CA VAL A 300 -7.16 22.26 -13.43
C VAL A 300 -8.10 21.90 -14.57
N VAL A 301 -9.39 21.72 -14.24
CA VAL A 301 -10.42 21.39 -15.22
C VAL A 301 -10.44 22.44 -16.33
N ASP A 302 -10.40 23.72 -15.96
CA ASP A 302 -10.42 24.78 -16.98
C ASP A 302 -9.22 24.68 -17.89
N ALA A 303 -8.04 24.40 -17.33
CA ALA A 303 -6.85 24.23 -18.16
C ALA A 303 -7.00 23.03 -19.09
N ALA A 304 -7.55 21.92 -18.59
CA ALA A 304 -7.72 20.73 -19.43
C ALA A 304 -8.77 20.97 -20.50
N ILE A 305 -9.80 21.75 -20.18
CA ILE A 305 -10.80 22.10 -21.18
C ILE A 305 -10.15 22.87 -22.32
N GLU A 306 -9.20 23.75 -21.99
CA GLU A 306 -8.60 24.59 -23.01
C GLU A 306 -7.50 23.85 -23.78
N GLY A 307 -6.94 22.78 -23.23
CA GLY A 307 -5.79 22.13 -23.84
C GLY A 307 -5.87 20.64 -24.07
N LEU A 308 -6.96 19.97 -23.71
CA LEU A 308 -7.10 18.55 -24.01
C LEU A 308 -8.27 18.34 -24.96
N ARG A 309 -8.31 17.16 -25.56
CA ARG A 309 -9.36 16.79 -26.47
C ARG A 309 -10.56 16.25 -25.69
N PRO A 310 -11.76 16.35 -26.26
CA PRO A 310 -13.00 15.84 -25.64
C PRO A 310 -12.77 14.46 -25.01
N HIS B 20 -5.55 23.32 17.16
CA HIS B 20 -6.85 22.93 16.62
C HIS B 20 -7.98 23.32 17.57
N MET B 21 -9.19 23.42 17.02
CA MET B 21 -10.38 23.75 17.77
C MET B 21 -11.01 22.47 18.29
N ASN B 22 -11.42 22.48 19.54
CA ASN B 22 -11.99 21.28 20.14
C ASN B 22 -13.23 20.85 19.36
N PRO B 23 -13.23 19.67 18.72
CA PRO B 23 -14.39 19.30 17.89
C PRO B 23 -15.64 19.02 18.71
N ILE B 24 -15.49 18.65 19.99
CA ILE B 24 -16.65 18.49 20.86
C ILE B 24 -17.38 19.82 21.00
N GLN B 25 -16.62 20.90 21.22
CA GLN B 25 -17.24 22.22 21.32
C GLN B 25 -17.93 22.61 20.03
N LEU B 26 -17.31 22.34 18.88
CA LEU B 26 -17.95 22.62 17.61
C LEU B 26 -19.29 21.90 17.51
N ASP B 27 -19.35 20.64 17.95
CA ASP B 27 -20.63 19.92 17.99
C ASP B 27 -21.65 20.64 18.85
N THR B 28 -21.22 21.17 20.00
CA THR B 28 -22.14 21.86 20.89
C THR B 28 -22.69 23.12 20.22
N LEU B 29 -21.80 23.93 19.65
CA LEU B 29 -22.27 25.09 18.90
C LEU B 29 -23.22 24.68 17.79
N LEU B 30 -22.87 23.62 17.04
CA LEU B 30 -23.75 23.18 15.97
C LEU B 30 -25.09 22.72 16.53
N SER B 31 -25.07 21.99 17.64
CA SER B 31 -26.33 21.50 18.20
C SER B 31 -27.22 22.64 18.66
N ILE B 32 -26.63 23.68 19.25
CA ILE B 32 -27.41 24.85 19.66
C ILE B 32 -28.16 25.43 18.47
N ILE B 33 -27.46 25.59 17.34
CA ILE B 33 -28.10 26.16 16.17
C ILE B 33 -29.12 25.20 15.60
N ASP B 34 -28.73 23.92 15.44
CA ASP B 34 -29.66 22.95 14.86
C ASP B 34 -30.90 22.78 15.73
N GLU B 35 -30.73 22.83 17.05
CA GLU B 35 -31.86 22.63 17.96
C GLU B 35 -32.58 23.93 18.30
N GLY B 36 -31.92 25.08 18.18
CA GLY B 36 -32.59 26.34 18.34
C GLY B 36 -32.41 27.00 19.70
N SER B 37 -31.87 26.30 20.69
CA SER B 37 -31.67 26.90 22.00
C SER B 37 -30.58 26.13 22.73
N PHE B 38 -30.10 26.74 23.81
CA PHE B 38 -29.13 26.04 24.65
C PHE B 38 -29.74 24.81 25.30
N GLU B 39 -30.98 24.91 25.78
CA GLU B 39 -31.61 23.74 26.39
C GLU B 39 -31.86 22.65 25.37
N GLY B 40 -32.19 23.02 24.12
CA GLY B 40 -32.32 22.02 23.09
C GLY B 40 -31.04 21.24 22.85
N ALA B 41 -29.91 21.94 22.82
CA ALA B 41 -28.63 21.25 22.67
C ALA B 41 -28.36 20.34 23.86
N SER B 42 -28.75 20.78 25.06
CA SER B 42 -28.59 19.97 26.25
C SER B 42 -29.25 18.61 26.08
N LEU B 43 -30.55 18.60 25.80
CA LEU B 43 -31.26 17.33 25.67
C LEU B 43 -30.73 16.53 24.49
N ALA B 44 -30.44 17.20 23.36
CA ALA B 44 -29.95 16.46 22.19
C ALA B 44 -28.63 15.75 22.51
N LEU B 45 -27.76 16.38 23.29
CA LEU B 45 -26.44 15.85 23.61
C LEU B 45 -26.39 15.07 24.92
N SER B 46 -27.48 15.01 25.67
CA SER B 46 -27.48 14.37 26.99
C SER B 46 -26.40 14.96 27.88
N ILE B 47 -26.37 16.30 27.96
CA ILE B 47 -25.46 16.99 28.87
C ILE B 47 -26.22 18.10 29.57
N SER B 48 -25.72 18.48 30.72
CA SER B 48 -26.36 19.52 31.50
C SER B 48 -26.40 20.84 30.73
N PRO B 49 -27.35 21.72 31.04
CA PRO B 49 -27.27 23.09 30.50
C PRO B 49 -25.97 23.78 30.87
N SER B 50 -25.45 23.48 32.07
CA SER B 50 -24.14 24.00 32.46
C SER B 50 -23.04 23.51 31.52
N ALA B 51 -23.07 22.22 31.18
CA ALA B 51 -22.06 21.69 30.25
C ALA B 51 -22.12 22.40 28.90
N VAL B 52 -23.33 22.61 28.37
CA VAL B 52 -23.47 23.34 27.12
C VAL B 52 -22.82 24.72 27.25
N SER B 53 -23.17 25.45 28.31
CA SER B 53 -22.64 26.79 28.52
C SER B 53 -21.11 26.78 28.64
N GLN B 54 -20.56 25.82 29.40
CA GLN B 54 -19.11 25.74 29.57
C GLN B 54 -18.41 25.59 28.24
N ARG B 55 -18.93 24.71 27.38
CA ARG B 55 -18.29 24.46 26.08
C ARG B 55 -18.38 25.69 25.19
N VAL B 56 -19.53 26.35 25.16
CA VAL B 56 -19.69 27.52 24.32
C VAL B 56 -18.72 28.62 24.77
N LYS B 57 -18.76 28.96 26.06
CA LYS B 57 -17.85 29.98 26.57
C LYS B 57 -16.40 29.62 26.25
N ALA B 58 -16.02 28.37 26.47
CA ALA B 58 -14.67 27.93 26.14
C ALA B 58 -14.36 28.15 24.66
N LEU B 59 -15.24 27.67 23.78
CA LEU B 59 -15.03 27.87 22.36
C LEU B 59 -14.91 29.36 22.01
N GLU B 60 -15.76 30.19 22.61
CA GLU B 60 -15.76 31.61 22.29
C GLU B 60 -14.43 32.28 22.67
N HIS B 61 -13.92 31.98 23.86
CA HIS B 61 -12.65 32.60 24.26
C HIS B 61 -11.48 32.03 23.48
N HIS B 62 -11.55 30.78 23.05
CA HIS B 62 -10.50 30.25 22.18
C HIS B 62 -10.44 31.01 20.86
N VAL B 63 -11.61 31.38 20.33
CA VAL B 63 -11.68 32.11 19.08
C VAL B 63 -11.44 33.61 19.29
N GLY B 64 -11.90 34.14 20.41
CA GLY B 64 -11.89 35.58 20.62
C GLY B 64 -13.11 36.30 20.11
N ARG B 65 -14.22 35.59 19.91
CA ARG B 65 -15.45 36.17 19.39
C ARG B 65 -16.64 35.52 20.09
N VAL B 66 -17.72 36.28 20.23
CA VAL B 66 -18.99 35.69 20.60
C VAL B 66 -19.55 34.94 19.39
N LEU B 67 -20.02 33.71 19.63
CA LEU B 67 -20.40 32.83 18.52
C LEU B 67 -21.90 32.67 18.33
N VAL B 68 -22.69 32.73 19.41
CA VAL B 68 -24.12 32.51 19.29
C VAL B 68 -24.84 33.35 20.32
N SER B 69 -26.06 33.79 19.98
CA SER B 69 -26.87 34.53 20.94
C SER B 69 -27.44 33.59 21.99
N ARG B 70 -27.54 34.08 23.22
CA ARG B 70 -28.14 33.29 24.28
C ARG B 70 -29.66 33.40 24.29
N THR B 71 -30.25 33.94 23.22
CA THR B 71 -31.69 34.04 23.08
C THR B 71 -32.20 32.89 22.21
N GLN B 72 -33.51 32.82 22.04
CA GLN B 72 -34.14 31.73 21.32
C GLN B 72 -35.14 32.27 20.31
N PRO B 73 -35.12 31.80 19.05
CA PRO B 73 -34.18 30.77 18.57
C PRO B 73 -32.73 31.26 18.51
N ALA B 74 -31.80 30.36 18.75
CA ALA B 74 -30.39 30.72 18.77
C ALA B 74 -29.93 31.10 17.36
N LYS B 75 -29.23 32.22 17.25
CA LYS B 75 -28.69 32.70 15.97
C LYS B 75 -27.18 32.77 16.08
N ALA B 76 -26.51 32.25 15.06
CA ALA B 76 -25.06 32.35 14.99
C ALA B 76 -24.63 33.77 14.62
N THR B 77 -23.60 34.27 15.29
CA THR B 77 -22.97 35.49 14.84
C THR B 77 -22.27 35.23 13.51
N GLU B 78 -21.62 36.27 12.98
CA GLU B 78 -20.87 36.09 11.75
C GLU B 78 -19.78 35.04 11.91
N ALA B 79 -18.99 35.17 12.99
CA ALA B 79 -17.96 34.17 13.27
C ALA B 79 -18.58 32.82 13.59
N GLY B 80 -19.68 32.81 14.34
CA GLY B 80 -20.34 31.55 14.66
C GLY B 80 -20.88 30.85 13.43
N GLU B 81 -21.33 31.60 12.44
CA GLU B 81 -21.76 30.97 11.19
C GLU B 81 -20.61 30.19 10.56
N VAL B 82 -19.39 30.73 10.67
CA VAL B 82 -18.21 30.03 10.16
C VAL B 82 -18.06 28.67 10.82
N LEU B 83 -18.01 28.65 12.15
CA LEU B 83 -17.77 27.41 12.88
C LEU B 83 -18.89 26.41 12.63
N VAL B 84 -20.13 26.89 12.53
CA VAL B 84 -21.23 26.01 12.21
C VAL B 84 -21.01 25.36 10.85
N GLN B 85 -20.69 26.18 9.83
CA GLN B 85 -20.37 25.65 8.52
C GLN B 85 -19.25 24.61 8.63
N ALA B 86 -18.17 24.95 9.35
CA ALA B 86 -17.07 24.00 9.54
C ALA B 86 -17.55 22.72 10.21
N ALA B 87 -18.43 22.85 11.22
CA ALA B 87 -18.91 21.68 11.95
C ALA B 87 -19.70 20.74 11.04
N ARG B 88 -20.52 21.30 10.14
CA ARG B 88 -21.25 20.44 9.22
C ARG B 88 -20.30 19.76 8.23
N LYS B 89 -19.22 20.45 7.83
CA LYS B 89 -18.21 19.81 6.98
C LYS B 89 -17.55 18.65 7.72
N MET B 90 -17.19 18.87 8.98
CA MET B 90 -16.53 17.80 9.72
C MET B 90 -17.46 16.61 9.96
N VAL B 91 -18.76 16.86 10.14
CA VAL B 91 -19.70 15.76 10.28
C VAL B 91 -19.73 14.92 9.01
N LEU B 92 -19.74 15.57 7.85
CA LEU B 92 -19.78 14.81 6.60
C LEU B 92 -18.52 13.98 6.42
N LEU B 93 -17.35 14.57 6.70
CA LEU B 93 -16.09 13.85 6.61
C LEU B 93 -16.13 12.61 7.50
N GLN B 94 -16.57 12.76 8.75
CA GLN B 94 -16.57 11.65 9.67
C GLN B 94 -17.41 10.49 9.16
N ALA B 95 -18.59 10.79 8.63
CA ALA B 95 -19.46 9.73 8.12
C ALA B 95 -18.84 9.06 6.89
N GLU B 96 -18.30 9.86 5.96
CA GLU B 96 -17.67 9.29 4.78
C GLU B 96 -16.45 8.43 5.14
N THR B 97 -15.65 8.89 6.10
CA THR B 97 -14.49 8.13 6.54
C THR B 97 -14.89 6.76 7.07
N LYS B 98 -15.85 6.74 8.00
CA LYS B 98 -16.35 5.48 8.53
C LYS B 98 -16.79 4.53 7.42
N ALA B 99 -17.48 5.06 6.40
CA ALA B 99 -17.91 4.21 5.28
C ALA B 99 -16.71 3.76 4.44
N GLN B 100 -15.74 4.64 4.24
CA GLN B 100 -14.56 4.29 3.46
C GLN B 100 -13.76 3.20 4.15
N LEU B 101 -13.50 3.37 5.44
CA LEU B 101 -12.74 2.35 6.16
C LEU B 101 -13.45 1.00 6.11
N SER B 102 -14.76 0.99 6.30
CA SER B 102 -15.48 -0.26 6.32
C SER B 102 -15.32 -1.01 5.00
N GLY B 103 -15.31 -0.28 3.90
CA GLY B 103 -15.23 -0.91 2.60
C GLY B 103 -13.82 -1.36 2.30
N ARG B 104 -12.85 -0.55 2.70
CA ARG B 104 -11.45 -0.90 2.47
C ARG B 104 -11.06 -2.14 3.28
N LEU B 105 -11.55 -2.25 4.52
CA LEU B 105 -11.25 -3.45 5.32
C LEU B 105 -11.73 -4.71 4.62
N ALA B 106 -12.90 -4.66 4.01
CA ALA B 106 -13.42 -5.84 3.30
C ALA B 106 -12.46 -6.26 2.19
N GLU B 107 -11.91 -5.26 1.48
CA GLU B 107 -10.99 -5.49 0.36
C GLU B 107 -9.59 -5.90 0.80
N ILE B 108 -9.23 -5.74 2.07
CA ILE B 108 -7.82 -5.86 2.40
C ILE B 108 -7.50 -7.27 2.86
N PRO B 109 -6.50 -7.91 2.25
CA PRO B 109 -6.16 -9.29 2.64
C PRO B 109 -5.47 -9.36 3.98
N LEU B 110 -5.81 -10.40 4.74
CA LEU B 110 -5.08 -10.72 5.95
C LEU B 110 -3.72 -11.30 5.57
N THR B 111 -2.65 -10.79 6.16
CA THR B 111 -1.29 -11.15 5.78
C THR B 111 -0.65 -12.08 6.81
N ILE B 112 -0.09 -13.17 6.32
CA ILE B 112 0.46 -14.22 7.15
C ILE B 112 1.87 -14.51 6.67
N ALA B 113 2.78 -14.72 7.61
CA ALA B 113 4.09 -15.28 7.32
C ALA B 113 4.07 -16.75 7.71
N ILE B 114 4.58 -17.61 6.81
CA ILE B 114 4.52 -19.05 6.95
C ILE B 114 5.77 -19.63 6.31
N ASN B 115 6.12 -20.84 6.71
CA ASN B 115 7.24 -21.53 6.10
C ASN B 115 6.73 -22.54 5.06
N ALA B 116 7.60 -22.87 4.10
CA ALA B 116 7.19 -23.77 3.03
C ALA B 116 6.68 -25.10 3.56
N ASP B 117 7.26 -25.62 4.65
CA ASP B 117 6.86 -26.95 5.12
C ASP B 117 5.44 -26.96 5.68
N SER B 118 5.01 -25.88 6.34
CA SER B 118 3.62 -25.82 6.76
C SER B 118 2.70 -25.64 5.57
N LEU B 119 3.09 -24.79 4.61
CA LEU B 119 2.22 -24.51 3.47
C LEU B 119 1.95 -25.77 2.65
N SER B 120 2.95 -26.67 2.55
CA SER B 120 2.82 -27.86 1.73
C SER B 120 2.21 -29.05 2.46
N THR B 121 2.00 -28.97 3.78
CA THR B 121 1.46 -30.13 4.44
C THR B 121 0.07 -29.86 5.03
N TRP B 122 0.02 -29.34 6.26
CA TRP B 122 -1.23 -29.28 7.01
C TRP B 122 -2.04 -28.00 6.78
N PHE B 123 -1.46 -27.00 6.14
CA PHE B 123 -2.10 -25.68 6.10
C PHE B 123 -3.25 -25.55 5.11
N PRO B 124 -3.17 -26.14 3.92
CA PRO B 124 -4.15 -25.82 2.85
C PRO B 124 -5.61 -25.89 3.31
N PRO B 125 -5.97 -26.79 4.26
CA PRO B 125 -7.37 -26.79 4.74
C PRO B 125 -7.86 -25.44 5.24
N VAL B 126 -6.94 -24.57 5.67
CA VAL B 126 -7.32 -23.21 6.07
C VAL B 126 -7.99 -22.48 4.93
N PHE B 127 -7.56 -22.75 3.69
CA PHE B 127 -8.16 -22.12 2.52
C PHE B 127 -9.66 -22.35 2.47
N ASN B 128 -10.11 -23.58 2.75
CA ASN B 128 -11.54 -23.87 2.75
C ASN B 128 -12.28 -22.95 3.71
N GLU B 129 -11.75 -22.79 4.92
CA GLU B 129 -12.42 -21.98 5.94
C GLU B 129 -12.55 -20.53 5.49
N VAL B 130 -11.44 -19.94 5.06
CA VAL B 130 -11.46 -18.55 4.57
C VAL B 130 -12.43 -18.41 3.40
N ALA B 131 -12.42 -19.38 2.48
CA ALA B 131 -13.30 -19.29 1.31
C ALA B 131 -14.75 -19.16 1.70
N SER B 132 -15.15 -19.82 2.79
CA SER B 132 -16.55 -19.83 3.22
C SER B 132 -17.00 -18.52 3.83
N TRP B 133 -16.10 -17.59 4.15
CA TRP B 133 -16.50 -16.32 4.74
C TRP B 133 -17.18 -15.45 3.69
N GLY B 134 -17.27 -14.15 3.94
CA GLY B 134 -17.77 -13.26 2.91
C GLY B 134 -16.99 -13.38 1.61
N GLY B 135 -16.07 -12.47 1.38
CA GLY B 135 -15.20 -12.49 0.21
C GLY B 135 -13.80 -12.19 0.69
N ALA B 136 -13.33 -12.96 1.68
CA ALA B 136 -12.05 -12.70 2.31
C ALA B 136 -10.88 -13.15 1.44
N THR B 137 -9.73 -12.50 1.64
CA THR B 137 -8.51 -12.80 0.91
C THR B 137 -7.36 -12.98 1.89
N LEU B 138 -6.41 -13.82 1.49
CA LEU B 138 -5.18 -14.07 2.21
C LEU B 138 -4.00 -13.59 1.38
N THR B 139 -2.99 -13.08 2.07
CA THR B 139 -1.68 -12.88 1.48
C THR B 139 -0.66 -13.67 2.30
N LEU B 140 -0.16 -14.77 1.72
CA LEU B 140 0.85 -15.60 2.38
C LEU B 140 2.24 -15.16 1.95
N ARG B 141 3.12 -14.96 2.92
CA ARG B 141 4.53 -14.69 2.66
C ARG B 141 5.33 -15.87 3.17
N LEU B 142 6.13 -16.48 2.29
CA LEU B 142 7.01 -17.58 2.65
C LEU B 142 8.32 -17.00 3.16
N GLU B 143 8.60 -17.21 4.44
CA GLU B 143 9.72 -16.53 5.06
C GLU B 143 10.50 -17.53 5.92
N ASP B 144 11.80 -17.28 6.06
CA ASP B 144 12.57 -18.04 7.01
C ASP B 144 12.21 -17.60 8.43
N GLU B 145 12.75 -18.31 9.42
CA GLU B 145 12.36 -18.03 10.80
C GLU B 145 12.65 -16.59 11.19
N ALA B 146 13.80 -16.06 10.75
CA ALA B 146 14.21 -14.73 11.20
C ALA B 146 13.33 -13.64 10.61
N HIS B 147 13.17 -13.64 9.27
CA HIS B 147 12.33 -12.62 8.66
C HIS B 147 10.89 -12.74 9.13
N THR B 148 10.42 -13.96 9.33
CA THR B 148 9.06 -14.16 9.83
C THR B 148 8.83 -13.38 11.13
N LEU B 149 9.71 -13.55 12.11
CA LEU B 149 9.52 -12.85 13.38
C LEU B 149 9.63 -11.34 13.22
N SER B 150 10.57 -10.86 12.40
CA SER B 150 10.66 -9.42 12.17
C SER B 150 9.39 -8.88 11.52
N LEU B 151 8.86 -9.59 10.51
CA LEU B 151 7.60 -9.15 9.91
C LEU B 151 6.51 -9.04 10.97
N LEU B 152 6.39 -10.05 11.85
CA LEU B 152 5.44 -9.92 12.97
C LEU B 152 5.74 -8.70 13.81
N ARG B 153 6.98 -8.60 14.33
CA ARG B 153 7.35 -7.53 15.24
C ARG B 153 6.95 -6.18 14.69
N ARG B 154 7.28 -5.92 13.42
CA ARG B 154 7.08 -4.62 12.81
C ARG B 154 5.63 -4.37 12.41
N GLY B 155 4.79 -5.39 12.44
CA GLY B 155 3.39 -5.26 12.07
C GLY B 155 3.10 -5.51 10.60
N ASP B 156 4.07 -6.00 9.83
CA ASP B 156 3.88 -6.24 8.41
C ASP B 156 3.04 -7.47 8.12
N VAL B 157 2.89 -8.38 9.08
CA VAL B 157 1.91 -9.46 8.99
C VAL B 157 1.13 -9.49 10.30
N LEU B 158 -0.13 -9.91 10.22
CA LEU B 158 -0.95 -9.96 11.43
C LEU B 158 -0.82 -11.29 12.16
N GLY B 159 -0.34 -12.33 11.47
CA GLY B 159 -0.14 -13.63 12.08
C GLY B 159 1.04 -14.33 11.46
N ALA B 160 1.53 -15.35 12.15
CA ALA B 160 2.70 -16.04 11.64
C ALA B 160 2.80 -17.42 12.26
N VAL B 161 3.18 -18.39 11.43
CA VAL B 161 3.59 -19.71 11.90
C VAL B 161 5.08 -19.65 12.20
N THR B 162 5.48 -20.15 13.37
CA THR B 162 6.83 -19.93 13.85
C THR B 162 7.28 -21.05 14.79
N ARG B 163 8.58 -21.29 14.81
CA ARG B 163 9.17 -22.15 15.83
C ARG B 163 9.35 -21.42 17.15
N GLU B 164 9.19 -20.09 17.16
CA GLU B 164 9.47 -19.29 18.34
C GLU B 164 8.30 -19.39 19.32
N ALA B 165 8.58 -19.83 20.54
CA ALA B 165 7.54 -20.02 21.54
C ALA B 165 7.22 -18.77 22.36
N ASN B 166 8.18 -17.85 22.52
CA ASN B 166 7.87 -16.68 23.33
C ASN B 166 7.16 -15.61 22.50
N PRO B 167 6.12 -14.96 23.05
CA PRO B 167 5.30 -14.05 22.25
C PRO B 167 6.08 -12.78 21.90
N VAL B 168 6.00 -12.39 20.63
CA VAL B 168 6.60 -11.12 20.21
C VAL B 168 5.73 -9.96 20.68
N ALA B 169 6.37 -8.82 20.94
CA ALA B 169 5.64 -7.65 21.39
C ALA B 169 4.42 -7.42 20.51
N GLY B 170 3.28 -7.21 21.17
CA GLY B 170 2.01 -6.95 20.52
C GLY B 170 1.24 -8.19 20.13
N CYS B 171 1.78 -9.39 20.36
CA CYS B 171 1.15 -10.61 19.87
C CYS B 171 0.96 -11.62 20.99
N GLU B 172 0.02 -12.54 20.76
CA GLU B 172 -0.22 -13.67 21.62
C GLU B 172 0.09 -14.95 20.87
N VAL B 173 0.46 -15.99 21.62
CA VAL B 173 0.96 -17.23 21.05
C VAL B 173 0.04 -18.38 21.40
N VAL B 174 -0.05 -19.32 20.47
CA VAL B 174 -0.80 -20.56 20.65
C VAL B 174 0.06 -21.68 20.09
N GLU B 175 0.17 -22.77 20.83
CA GLU B 175 0.88 -23.94 20.34
C GLU B 175 -0.01 -24.69 19.35
N LEU B 176 0.54 -25.01 18.18
CA LEU B 176 -0.18 -25.68 17.12
C LEU B 176 0.02 -27.18 17.10
N GLY B 177 1.15 -27.67 17.63
CA GLY B 177 1.54 -29.05 17.50
C GLY B 177 2.96 -29.16 16.98
N THR B 178 3.37 -30.38 16.67
CA THR B 178 4.76 -30.70 16.38
C THR B 178 4.90 -31.19 14.95
N MET B 179 5.91 -30.67 14.26
CA MET B 179 6.25 -31.11 12.91
C MET B 179 7.42 -32.09 12.99
N ARG B 180 7.25 -33.24 12.34
CA ARG B 180 8.26 -34.30 12.34
C ARG B 180 8.91 -34.42 10.97
N HIS B 181 10.24 -34.39 10.93
CA HIS B 181 11.00 -34.62 9.71
C HIS B 181 11.69 -35.98 9.76
N LEU B 182 11.74 -36.64 8.61
CA LEU B 182 12.41 -37.92 8.46
C LEU B 182 13.55 -37.80 7.46
N ALA B 183 14.61 -38.56 7.72
CA ALA B 183 15.76 -38.68 6.81
C ALA B 183 15.46 -39.81 5.84
N ILE B 184 15.25 -39.49 4.57
CA ILE B 184 14.80 -40.48 3.61
C ILE B 184 15.71 -40.45 2.38
N ALA B 185 15.71 -41.57 1.66
CA ALA B 185 16.44 -41.72 0.41
C ALA B 185 15.83 -42.87 -0.38
N THR B 186 16.18 -42.96 -1.66
CA THR B 186 15.78 -44.12 -2.44
C THR B 186 16.61 -45.32 -2.00
N PRO B 187 16.04 -46.52 -2.08
CA PRO B 187 16.85 -47.70 -1.75
C PRO B 187 18.16 -47.73 -2.52
N SER B 188 18.12 -47.39 -3.82
CA SER B 188 19.32 -47.43 -4.65
C SER B 188 20.38 -46.45 -4.16
N LEU B 189 19.95 -45.24 -3.78
CA LEU B 189 20.89 -44.23 -3.31
C LEU B 189 21.59 -44.70 -2.03
N ARG B 190 20.79 -45.18 -1.06
CA ARG B 190 21.39 -45.72 0.17
C ARG B 190 22.41 -46.81 -0.16
N ASP B 191 21.99 -47.82 -0.94
CA ASP B 191 22.91 -48.90 -1.32
C ASP B 191 24.12 -48.37 -2.05
N ALA B 192 23.98 -47.27 -2.80
CA ALA B 192 25.12 -46.73 -3.54
C ALA B 192 26.20 -46.21 -2.61
N TYR B 193 25.82 -45.79 -1.39
CA TYR B 193 26.77 -45.26 -0.42
C TYR B 193 26.94 -46.17 0.81
N MET B 194 26.49 -47.42 0.73
CA MET B 194 26.88 -48.42 1.72
C MET B 194 28.24 -48.99 1.36
N VAL B 195 29.18 -48.96 2.30
CA VAL B 195 30.51 -49.54 2.10
C VAL B 195 30.93 -50.22 3.40
N ASP B 196 31.10 -51.54 3.36
CA ASP B 196 31.45 -52.32 4.53
C ASP B 196 30.33 -52.28 5.57
N GLY B 197 29.10 -52.14 5.10
CA GLY B 197 27.96 -52.13 5.98
C GLY B 197 27.69 -50.82 6.68
N LYS B 198 28.44 -49.77 6.33
CA LYS B 198 28.30 -48.48 7.00
C LYS B 198 28.04 -47.41 5.94
N LEU B 199 27.06 -46.55 6.21
CA LEU B 199 26.63 -45.55 5.25
C LEU B 199 27.56 -44.34 5.32
N ASP B 200 28.06 -43.90 4.16
CA ASP B 200 28.95 -42.74 4.11
C ASP B 200 28.09 -41.49 3.97
N TRP B 201 27.60 -41.01 5.12
CA TRP B 201 26.71 -39.85 5.15
C TRP B 201 27.35 -38.64 4.47
N ALA B 202 28.62 -38.36 4.76
CA ALA B 202 29.25 -37.16 4.22
C ALA B 202 29.30 -37.19 2.69
N ALA B 203 29.54 -38.37 2.12
CA ALA B 203 29.69 -38.50 0.67
C ALA B 203 28.36 -38.54 -0.07
N MET B 204 27.26 -38.77 0.62
CA MET B 204 25.96 -38.94 0.00
C MET B 204 25.40 -37.60 -0.44
N PRO B 205 25.04 -37.43 -1.71
CA PRO B 205 24.41 -36.17 -2.13
C PRO B 205 23.14 -35.91 -1.35
N VAL B 206 22.93 -34.64 -1.03
CA VAL B 206 21.82 -34.21 -0.19
C VAL B 206 21.00 -33.16 -0.94
N LEU B 207 19.71 -33.10 -0.62
CA LEU B 207 18.83 -32.05 -1.13
C LEU B 207 18.77 -30.91 -0.12
N ARG B 208 18.70 -29.69 -0.64
CA ARG B 208 18.57 -28.50 0.18
C ARG B 208 17.51 -27.59 -0.44
N PHE B 209 16.83 -26.85 0.43
CA PHE B 209 15.78 -25.95 -0.06
C PHE B 209 16.37 -24.65 -0.60
N GLY B 210 17.54 -24.24 -0.10
CA GLY B 210 18.14 -23.01 -0.53
C GLY B 210 19.62 -22.96 -0.23
N PRO B 211 20.28 -21.85 -0.56
CA PRO B 211 21.70 -21.66 -0.26
C PRO B 211 21.95 -21.30 1.19
N ASP B 217 26.27 -27.16 9.00
CA ASP B 217 26.38 -28.58 8.71
C ASP B 217 25.62 -29.41 9.75
N ARG B 218 24.53 -28.83 10.26
CA ARG B 218 23.76 -29.42 11.35
C ARG B 218 23.24 -30.82 11.01
N ASP B 219 22.92 -31.08 9.74
CA ASP B 219 22.16 -32.26 9.36
C ASP B 219 22.93 -33.57 9.53
N LEU B 220 24.24 -33.53 9.76
CA LEU B 220 25.00 -34.74 9.99
C LEU B 220 25.31 -34.97 11.45
N ASP B 221 24.99 -34.01 12.32
CA ASP B 221 25.21 -34.18 13.75
C ASP B 221 24.60 -35.50 14.20
N GLY B 222 25.38 -36.27 14.96
CA GLY B 222 24.94 -37.59 15.35
C GLY B 222 24.82 -38.60 14.23
N ARG B 223 25.30 -38.25 13.04
CA ARG B 223 25.45 -39.20 11.94
C ARG B 223 26.90 -39.39 11.52
N VAL B 224 27.74 -38.38 11.71
CA VAL B 224 29.17 -38.46 11.44
C VAL B 224 29.89 -37.86 12.64
N ASP B 225 31.06 -38.41 12.94
CA ASP B 225 31.80 -37.94 14.10
C ASP B 225 32.70 -36.75 13.76
N GLY B 226 33.86 -37.04 13.17
CA GLY B 226 34.90 -36.05 13.00
C GLY B 226 34.55 -34.94 12.03
N PRO B 227 35.52 -34.07 11.75
CA PRO B 227 35.28 -32.97 10.81
C PRO B 227 34.83 -33.49 9.45
N VAL B 228 33.86 -32.81 8.85
CA VAL B 228 33.19 -33.23 7.63
C VAL B 228 33.85 -32.60 6.41
N GLY B 229 34.09 -33.41 5.38
CA GLY B 229 34.61 -32.91 4.13
C GLY B 229 33.57 -32.12 3.37
N ARG B 230 33.89 -31.84 2.10
CA ARG B 230 32.93 -31.25 1.17
C ARG B 230 31.66 -32.09 1.12
N ARG B 231 30.57 -31.51 0.63
CA ARG B 231 29.34 -32.25 0.48
C ARG B 231 28.75 -31.96 -0.88
N ARG B 232 28.04 -32.95 -1.44
CA ARG B 232 27.42 -32.83 -2.74
C ARG B 232 25.98 -32.37 -2.53
N VAL B 233 25.64 -31.18 -3.05
CA VAL B 233 24.40 -30.53 -2.71
C VAL B 233 23.66 -30.14 -3.98
N SER B 234 22.39 -30.50 -4.05
CA SER B 234 21.45 -29.92 -5.01
C SER B 234 20.47 -29.04 -4.25
N ILE B 235 20.05 -27.95 -4.89
CA ILE B 235 19.13 -26.98 -4.30
C ILE B 235 17.85 -26.96 -5.13
N VAL B 236 16.71 -27.22 -4.50
CA VAL B 236 15.42 -27.14 -5.18
C VAL B 236 14.47 -26.29 -4.33
N PRO B 237 14.19 -25.05 -4.71
CA PRO B 237 13.51 -24.13 -3.80
C PRO B 237 11.99 -24.25 -3.77
N SER B 238 11.45 -25.47 -3.86
CA SER B 238 10.03 -25.67 -3.64
C SER B 238 9.85 -26.94 -2.85
N ALA B 239 8.91 -26.92 -1.90
CA ALA B 239 8.68 -28.08 -1.04
C ALA B 239 8.42 -29.32 -1.86
N GLU B 240 7.59 -29.20 -2.90
CA GLU B 240 7.20 -30.38 -3.67
C GLU B 240 8.32 -30.83 -4.58
N GLY B 241 9.05 -29.88 -5.19
CA GLY B 241 10.19 -30.24 -6.01
C GLY B 241 11.33 -30.82 -5.21
N PHE B 242 11.53 -30.29 -4.00
CA PHE B 242 12.45 -30.89 -3.05
C PHE B 242 12.13 -32.36 -2.84
N GLY B 243 10.85 -32.67 -2.54
CA GLY B 243 10.46 -34.05 -2.36
C GLY B 243 10.66 -34.88 -3.61
N GLU B 244 10.35 -34.31 -4.77
CA GLU B 244 10.54 -35.03 -6.04
C GLU B 244 12.00 -35.38 -6.27
N ALA B 245 12.92 -34.46 -5.97
CA ALA B 245 14.34 -34.75 -6.18
C ALA B 245 14.78 -35.91 -5.30
N ILE B 246 14.32 -35.94 -4.05
CA ILE B 246 14.60 -37.10 -3.19
C ILE B 246 13.94 -38.35 -3.75
N ARG B 247 12.64 -38.27 -4.02
CA ARG B 247 11.92 -39.40 -4.58
C ARG B 247 12.64 -39.98 -5.80
N ARG B 248 13.39 -39.15 -6.53
CA ARG B 248 14.00 -39.59 -7.78
C ARG B 248 15.49 -39.83 -7.68
N GLY B 249 16.04 -39.87 -6.46
CA GLY B 249 17.42 -40.29 -6.26
C GLY B 249 18.48 -39.22 -6.38
N LEU B 250 18.10 -37.96 -6.63
CA LEU B 250 19.12 -36.92 -6.75
C LEU B 250 19.88 -36.70 -5.44
N GLY B 251 19.32 -37.09 -4.30
CA GLY B 251 19.95 -36.94 -3.00
C GLY B 251 19.01 -37.38 -1.89
N TRP B 252 19.56 -37.60 -0.69
CA TRP B 252 18.69 -37.79 0.47
C TRP B 252 18.30 -36.42 1.02
N GLY B 253 17.39 -36.40 1.98
CA GLY B 253 17.03 -35.13 2.59
C GLY B 253 16.12 -35.34 3.77
N LEU B 254 16.00 -34.28 4.57
CA LEU B 254 15.06 -34.29 5.68
C LEU B 254 13.71 -33.80 5.17
N LEU B 255 12.72 -34.69 5.20
CA LEU B 255 11.43 -34.43 4.59
C LEU B 255 10.31 -34.58 5.63
N PRO B 256 9.31 -33.71 5.60
CA PRO B 256 8.21 -33.83 6.57
C PRO B 256 7.52 -35.17 6.39
N GLU B 257 7.24 -35.83 7.52
CA GLU B 257 6.67 -37.17 7.43
C GLU B 257 5.38 -37.16 6.63
N THR B 258 4.63 -36.06 6.67
CA THR B 258 3.45 -35.91 5.83
C THR B 258 3.79 -36.14 4.36
N GLN B 259 4.83 -35.46 3.85
CA GLN B 259 5.21 -35.62 2.45
C GLN B 259 5.80 -37.00 2.19
N ALA B 260 6.55 -37.54 3.15
CA ALA B 260 7.29 -38.78 2.91
C ALA B 260 6.41 -40.02 2.99
N ALA B 261 5.31 -39.95 3.74
CA ALA B 261 4.45 -41.12 3.94
C ALA B 261 4.03 -41.80 2.64
N PRO B 262 3.57 -41.07 1.61
CA PRO B 262 3.21 -41.75 0.36
C PRO B 262 4.39 -42.43 -0.34
N MET B 263 5.56 -41.77 -0.38
CA MET B 263 6.73 -42.37 -1.00
C MET B 263 7.16 -43.63 -0.25
N LEU B 264 7.13 -43.59 1.08
CA LEU B 264 7.45 -44.78 1.87
C LEU B 264 6.45 -45.88 1.63
N LYS B 265 5.15 -45.54 1.61
CA LYS B 265 4.12 -46.54 1.38
C LYS B 265 4.27 -47.19 0.01
N ALA B 266 4.66 -46.41 -0.99
CA ALA B 266 4.89 -46.92 -2.33
C ALA B 266 6.25 -47.61 -2.47
N GLY B 267 7.05 -47.65 -1.42
CA GLY B 267 8.38 -48.20 -1.52
C GLY B 267 9.35 -47.41 -2.36
N GLU B 268 9.01 -46.15 -2.71
CA GLU B 268 9.93 -45.35 -3.53
C GLU B 268 11.13 -44.87 -2.73
N VAL B 269 10.95 -44.58 -1.44
CA VAL B 269 12.05 -44.20 -0.57
C VAL B 269 11.99 -45.07 0.68
N ILE B 270 13.08 -45.04 1.45
CA ILE B 270 13.20 -45.73 2.73
C ILE B 270 13.72 -44.77 3.77
N LEU B 271 13.58 -45.17 5.05
CA LEU B 271 14.18 -44.43 6.15
C LEU B 271 15.67 -44.75 6.22
N LEU B 272 16.51 -43.73 6.17
CA LEU B 272 17.93 -43.90 6.47
C LEU B 272 18.19 -44.00 7.96
N ASP B 273 17.16 -43.88 8.77
CA ASP B 273 17.38 -43.54 10.17
C ASP B 273 16.05 -43.59 10.92
N GLU B 274 16.03 -44.27 12.05
CA GLU B 274 14.86 -44.33 12.90
C GLU B 274 14.72 -43.09 13.80
N ILE B 275 15.62 -42.13 13.68
CA ILE B 275 15.61 -40.95 14.54
C ILE B 275 14.90 -39.80 13.85
N PRO B 276 13.64 -39.53 14.17
CA PRO B 276 12.96 -38.36 13.61
C PRO B 276 13.51 -37.09 14.25
N ILE B 277 13.27 -35.98 13.57
CA ILE B 277 13.59 -34.66 14.12
C ILE B 277 12.27 -33.92 14.30
N ASP B 278 11.95 -33.59 15.55
CA ASP B 278 10.68 -32.97 15.89
C ASP B 278 10.88 -31.48 16.16
N THR B 279 9.99 -30.67 15.60
CA THR B 279 10.05 -29.22 15.77
C THR B 279 8.67 -28.74 16.20
N PRO B 280 8.50 -28.33 17.46
CA PRO B 280 7.22 -27.76 17.88
C PRO B 280 6.93 -26.46 17.14
N MET B 281 5.66 -26.26 16.79
CA MET B 281 5.23 -25.11 16.03
C MET B 281 4.19 -24.29 16.80
N TYR B 282 4.15 -22.99 16.52
CA TYR B 282 3.29 -22.05 17.23
C TYR B 282 2.61 -21.11 16.24
N TRP B 283 1.46 -20.59 16.66
CA TRP B 283 0.74 -19.56 15.93
C TRP B 283 0.80 -18.26 16.72
N GLN B 284 1.36 -17.22 16.10
CA GLN B 284 1.48 -15.90 16.69
C GLN B 284 0.64 -14.92 15.91
N ARG B 285 -0.21 -14.17 16.62
CA ARG B 285 -1.07 -13.18 16.00
C ARG B 285 -1.07 -11.93 16.85
N TRP B 286 -1.24 -10.78 16.20
CA TRP B 286 -1.43 -9.54 16.93
C TRP B 286 -2.65 -9.59 17.84
N ARG B 287 -2.46 -9.12 19.06
CA ARG B 287 -3.55 -8.97 20.02
C ARG B 287 -4.44 -7.81 19.61
N LEU B 288 -5.64 -8.14 19.15
CA LEU B 288 -6.61 -7.19 18.63
C LEU B 288 -7.96 -7.83 18.76
N GLU B 289 -8.96 -7.04 19.12
CA GLU B 289 -10.32 -7.55 19.20
C GLU B 289 -10.90 -7.58 17.80
N SER B 290 -10.37 -8.50 17.01
CA SER B 290 -10.78 -8.67 15.62
C SER B 290 -11.44 -10.03 15.47
N ARG B 291 -12.69 -10.03 15.03
CA ARG B 291 -13.36 -11.29 14.74
C ARG B 291 -12.77 -11.93 13.48
N SER B 292 -12.25 -11.12 12.57
CA SER B 292 -11.55 -11.65 11.40
C SER B 292 -10.32 -12.44 11.83
N LEU B 293 -9.45 -11.83 12.65
CA LEU B 293 -8.27 -12.54 13.15
C LEU B 293 -8.64 -13.75 13.99
N ALA B 294 -9.63 -13.62 14.87
CA ALA B 294 -10.07 -14.76 15.68
C ALA B 294 -10.50 -15.93 14.79
N ARG B 295 -11.24 -15.65 13.72
CA ARG B 295 -11.67 -16.73 12.83
C ARG B 295 -10.48 -17.38 12.16
N LEU B 296 -9.54 -16.57 11.64
CA LEU B 296 -8.35 -17.11 11.01
C LEU B 296 -7.58 -18.00 11.97
N THR B 297 -7.37 -17.51 13.21
CA THR B 297 -6.65 -18.30 14.20
C THR B 297 -7.31 -19.66 14.41
N ASP B 298 -8.62 -19.65 14.67
CA ASP B 298 -9.33 -20.92 14.83
C ASP B 298 -9.11 -21.83 13.63
N ALA B 299 -9.21 -21.29 12.42
CA ALA B 299 -8.97 -22.11 11.23
C ALA B 299 -7.57 -22.70 11.24
N VAL B 300 -6.57 -21.91 11.61
CA VAL B 300 -5.19 -22.38 11.64
C VAL B 300 -5.02 -23.48 12.69
N VAL B 301 -5.47 -23.21 13.91
CA VAL B 301 -5.37 -24.20 14.97
C VAL B 301 -6.02 -25.51 14.55
N ASP B 302 -7.22 -25.43 13.96
CA ASP B 302 -7.93 -26.63 13.55
C ASP B 302 -7.17 -27.39 12.48
N ALA B 303 -6.61 -26.66 11.51
CA ALA B 303 -5.80 -27.33 10.49
C ALA B 303 -4.57 -27.97 11.12
N ALA B 304 -3.94 -27.28 12.08
CA ALA B 304 -2.76 -27.84 12.73
C ALA B 304 -3.09 -29.08 13.53
N ILE B 305 -4.29 -29.11 14.12
CA ILE B 305 -4.74 -30.30 14.86
C ILE B 305 -4.81 -31.50 13.92
N GLU B 306 -5.25 -31.29 12.68
CA GLU B 306 -5.40 -32.38 11.71
C GLU B 306 -4.08 -32.84 11.10
N GLY B 307 -3.05 -31.98 11.07
CA GLY B 307 -1.85 -32.30 10.33
C GLY B 307 -0.54 -32.23 11.07
N LEU B 308 -0.57 -31.94 12.37
CA LEU B 308 0.65 -31.99 13.16
C LEU B 308 0.49 -33.02 14.28
N ARG B 309 1.61 -33.41 14.87
CA ARG B 309 1.49 -34.33 16.00
C ARG B 309 1.21 -33.55 17.28
N PRO B 310 0.50 -34.16 18.22
CA PRO B 310 0.21 -33.53 19.50
C PRO B 310 1.43 -32.82 20.10
#